data_5LHK
#
_entry.id   5LHK
#
_cell.length_a   151.510
_cell.length_b   151.510
_cell.length_c   101.190
_cell.angle_alpha   90.00
_cell.angle_beta   90.00
_cell.angle_gamma   120.00
#
_symmetry.space_group_name_H-M   'P 63 2 2'
#
loop_
_entity.id
_entity.type
_entity.pdbx_description
1 polymer 'Leucine aminopeptidase 2, chloroplastic'
2 non-polymer 'MANGANESE (II) ION'
3 non-polymer 'BICARBONATE ION'
4 water water
#
_entity_poly.entity_id   1
_entity_poly.type   'polypeptide(L)'
_entity_poly.pdbx_seq_one_letter_code
;MTRVVAGDVGTDTPDKAGTADTAKAADTADTASRAADVVACGRHTGAAVGAFSRRRGFVARPGQVVAEPSADGRAVVLNV
GLGPAGSATAATFRAAAAASVRAVGPARTLRLDLALADGSGVPAAERARAVAEGAVLGLYRYDEYRSARAASPLAEVIVA
TPERRAVAEGLAAAEATCLARDLVNCPAGTLTPPAFADRIRELAHTAGLDCAVYEGAGLTELGLTGLTAVGRGSAEPPRY
VELTYDPPDADPALTVGLVGKGVTFDSGGLSLKPSGERHAMKADMGGAAAVVAALTALPRLGLPLRVRGHLPLAENMPDG
GALRVGDVVRHLDGTTTEITHTDNEGRVVLADVLVRASRPGPHRSDLVVDVATLTSAAVHALGTRTGALFTPDDRLAQTV
LAASERAGESFCRLPLLAHERRNLRSAVADRVNCSHRHGDTIQAALFLQDFVAAGVPWAHLDIAAPAYNDEGPYAEVPYG
GTGFAVRTLIETLRALSEGSPDVP
;
_entity_poly.pdbx_strand_id   A
#
loop_
_chem_comp.id
_chem_comp.type
_chem_comp.name
_chem_comp.formula
BCT non-polymer 'BICARBONATE ION' 'C H O3 -1'
MN non-polymer 'MANGANESE (II) ION' 'Mn 2'
#
# COMPACT_ATOMS: atom_id res chain seq x y z
N ALA A 35 1.41 35.02 13.96
CA ALA A 35 1.96 33.86 13.17
C ALA A 35 1.04 32.64 13.15
N ALA A 36 -0.23 32.86 12.78
CA ALA A 36 -1.24 31.80 12.56
C ALA A 36 -1.14 30.64 13.56
N ASP A 37 -1.16 30.97 14.85
CA ASP A 37 -0.89 30.02 15.96
C ASP A 37 0.51 29.41 15.92
N VAL A 38 0.77 28.55 14.93
CA VAL A 38 2.06 27.86 14.83
C VAL A 38 2.63 27.98 13.41
N VAL A 39 3.90 28.36 13.33
CA VAL A 39 4.67 28.32 12.09
C VAL A 39 5.85 27.37 12.28
N ALA A 40 6.03 26.45 11.35
CA ALA A 40 7.16 25.53 11.36
C ALA A 40 8.22 25.94 10.34
N CYS A 41 9.44 26.20 10.82
CA CYS A 41 10.55 26.63 9.99
C CYS A 41 11.55 25.49 9.84
N GLY A 42 11.86 25.14 8.60
CA GLY A 42 12.91 24.16 8.30
C GLY A 42 14.29 24.76 8.48
N ARG A 43 15.19 24.03 9.14
CA ARG A 43 16.57 24.46 9.37
C ARG A 43 17.52 23.35 8.97
N HIS A 44 18.41 23.64 8.02
CA HIS A 44 19.53 22.75 7.75
C HIS A 44 20.63 23.01 8.77
N THR A 45 21.55 22.05 8.89
CA THR A 45 22.70 22.18 9.79
C THR A 45 23.43 23.47 9.45
N GLY A 46 23.78 24.24 10.48
CA GLY A 46 24.49 25.52 10.30
C GLY A 46 23.60 26.75 10.19
N ALA A 47 22.30 26.56 9.98
CA ALA A 47 21.35 27.68 9.92
C ALA A 47 21.14 28.33 11.29
N ALA A 48 20.89 29.63 11.29
CA ALA A 48 20.78 30.39 12.53
C ALA A 48 19.42 30.17 13.21
N VAL A 49 19.45 29.94 14.51
CA VAL A 49 18.24 29.93 15.36
C VAL A 49 18.51 30.83 16.56
N GLY A 50 17.46 31.23 17.27
CA GLY A 50 17.64 32.08 18.43
C GLY A 50 18.36 31.39 19.59
N ALA A 51 18.74 32.21 20.58
CA ALA A 51 19.46 31.72 21.75
C ALA A 51 18.66 30.64 22.51
N PHE A 52 17.35 30.82 22.59
CA PHE A 52 16.48 29.85 23.25
C PHE A 52 16.58 28.46 22.60
N SER A 53 16.40 28.38 21.27
CA SER A 53 16.52 27.10 20.55
C SER A 53 17.90 26.44 20.78
N ARG A 54 18.97 27.24 20.73
CA ARG A 54 20.32 26.72 21.02
C ARG A 54 20.42 26.20 22.44
N ARG A 55 19.88 26.97 23.40
CA ARG A 55 19.90 26.57 24.81
C ARG A 55 19.10 25.30 25.07
N ARG A 56 18.10 25.03 24.23
CA ARG A 56 17.33 23.78 24.29
C ARG A 56 18.00 22.60 23.57
N GLY A 57 19.07 22.85 22.83
CA GLY A 57 19.83 21.80 22.17
C GLY A 57 19.46 21.54 20.72
N PHE A 58 18.85 22.53 20.06
CA PHE A 58 18.48 22.38 18.66
C PHE A 58 19.75 22.37 17.82
N VAL A 59 19.99 21.25 17.13
CA VAL A 59 21.16 21.10 16.26
C VAL A 59 20.76 20.74 14.82
N ALA A 60 19.50 21.02 14.45
CA ALA A 60 18.99 20.75 13.10
C ALA A 60 19.06 19.28 12.68
N ARG A 61 18.95 18.37 13.65
CA ARG A 61 18.91 16.94 13.36
C ARG A 61 17.56 16.62 12.70
N PRO A 62 17.56 15.76 11.65
CA PRO A 62 16.31 15.48 10.92
C PRO A 62 15.17 15.08 11.86
N GLY A 63 14.04 15.76 11.74
CA GLY A 63 12.89 15.50 12.60
C GLY A 63 12.92 16.09 14.01
N GLN A 64 14.02 16.72 14.42
CA GLN A 64 14.10 17.35 15.75
C GLN A 64 13.25 18.61 15.72
N VAL A 65 12.44 18.80 16.75
CA VAL A 65 11.56 19.95 16.84
C VAL A 65 11.75 20.63 18.18
N VAL A 66 12.04 21.93 18.15
CA VAL A 66 12.05 22.76 19.35
C VAL A 66 11.10 23.92 19.16
N ALA A 67 10.11 24.02 20.04
CA ALA A 67 9.12 25.08 20.00
C ALA A 67 9.61 26.30 20.76
N GLU A 68 9.24 27.48 20.28
CA GLU A 68 9.59 28.72 20.94
C GLU A 68 8.52 29.78 20.65
N PRO A 69 8.43 30.81 21.51
CA PRO A 69 7.52 31.90 21.15
C PRO A 69 7.99 32.60 19.88
N SER A 70 7.04 33.10 19.10
CA SER A 70 7.36 33.92 17.95
C SER A 70 8.04 35.23 18.40
N ALA A 71 8.58 35.98 17.45
CA ALA A 71 9.28 37.24 17.77
C ALA A 71 8.36 38.23 18.52
N ASP A 72 7.12 38.39 18.06
CA ASP A 72 6.14 39.29 18.69
C ASP A 72 5.45 38.73 19.97
N GLY A 73 5.79 37.52 20.38
CA GLY A 73 5.25 36.91 21.59
C GLY A 73 3.79 36.46 21.52
N ARG A 74 3.16 36.56 20.34
CA ARG A 74 1.73 36.28 20.18
C ARG A 74 1.43 34.86 19.67
N ALA A 75 2.45 34.13 19.21
CA ALA A 75 2.23 32.81 18.61
C ALA A 75 3.45 31.89 18.82
N VAL A 76 3.46 30.76 18.12
CA VAL A 76 4.48 29.71 18.30
C VAL A 76 5.27 29.51 17.02
N VAL A 77 6.59 29.39 17.16
CA VAL A 77 7.50 28.97 16.08
C VAL A 77 8.05 27.59 16.43
N LEU A 78 8.00 26.66 15.47
CA LEU A 78 8.69 25.39 15.58
C LEU A 78 9.91 25.44 14.68
N ASN A 79 11.08 25.25 15.28
CA ASN A 79 12.29 25.01 14.53
C ASN A 79 12.42 23.52 14.32
N VAL A 80 12.52 23.12 13.05
CA VAL A 80 12.47 21.71 12.64
C VAL A 80 13.73 21.38 11.86
N GLY A 81 14.42 20.32 12.26
CA GLY A 81 15.70 19.97 11.65
C GLY A 81 15.54 19.32 10.29
N LEU A 82 16.38 19.73 9.34
CA LEU A 82 16.44 19.11 8.01
C LEU A 82 17.80 18.44 7.75
N GLY A 83 18.67 18.39 8.77
CA GLY A 83 19.98 17.78 8.62
C GLY A 83 20.87 18.60 7.70
N PRO A 84 22.05 18.07 7.34
CA PRO A 84 22.92 18.75 6.38
C PRO A 84 22.23 18.96 5.04
N ALA A 85 22.45 20.13 4.43
CA ALA A 85 21.82 20.46 3.16
C ALA A 85 22.25 19.49 2.05
N GLY A 86 23.51 19.09 2.06
CA GLY A 86 24.06 18.22 1.03
C GLY A 86 23.53 16.80 1.01
N SER A 87 23.01 16.31 2.13
CA SER A 87 22.45 14.95 2.23
C SER A 87 20.91 14.88 2.30
N ALA A 88 20.22 16.01 2.41
CA ALA A 88 18.76 16.01 2.52
C ALA A 88 18.12 15.44 1.26
N THR A 89 17.09 14.62 1.44
CA THR A 89 16.30 14.05 0.34
C THR A 89 14.84 14.45 0.54
N ALA A 90 13.99 14.10 -0.42
CA ALA A 90 12.55 14.30 -0.29
C ALA A 90 11.99 13.62 0.97
N ALA A 91 12.53 12.45 1.30
CA ALA A 91 12.11 11.76 2.53
C ALA A 91 12.40 12.57 3.80
N THR A 92 13.53 13.29 3.80
CA THR A 92 13.85 14.19 4.91
C THR A 92 12.75 15.23 5.11
N PHE A 93 12.29 15.84 4.02
CA PHE A 93 11.21 16.83 4.08
C PHE A 93 9.89 16.18 4.50
N ARG A 94 9.63 14.99 3.99
CA ARG A 94 8.40 14.27 4.33
C ARG A 94 8.37 13.98 5.84
N ALA A 95 9.49 13.50 6.37
CA ALA A 95 9.61 13.18 7.79
C ALA A 95 9.59 14.41 8.68
N ALA A 96 10.22 15.49 8.22
CA ALA A 96 10.22 16.74 8.98
C ALA A 96 8.83 17.35 9.08
N ALA A 97 8.04 17.21 8.02
CA ALA A 97 6.65 17.67 8.01
C ALA A 97 5.81 16.88 9.01
N ALA A 98 6.01 15.56 9.04
CA ALA A 98 5.32 14.70 10.00
C ALA A 98 5.67 15.07 11.45
N ALA A 99 6.95 15.29 11.70
CA ALA A 99 7.39 15.74 13.02
C ALA A 99 6.78 17.10 13.40
N SER A 100 6.65 17.99 12.43
CA SER A 100 6.02 19.31 12.67
C SER A 100 4.58 19.18 13.15
N VAL A 101 3.76 18.42 12.43
CA VAL A 101 2.32 18.30 12.76
C VAL A 101 2.10 17.57 14.09
N ARG A 102 3.00 16.64 14.42
CA ARG A 102 2.99 15.98 15.74
C ARG A 102 3.27 16.91 16.92
N ALA A 103 4.04 17.97 16.68
CA ALA A 103 4.43 18.91 17.74
C ALA A 103 3.53 20.14 17.80
N VAL A 104 2.38 20.10 17.12
CA VAL A 104 1.50 21.25 16.96
C VAL A 104 0.79 21.66 18.28
N GLY A 105 0.64 20.73 19.21
CA GLY A 105 -0.07 21.00 20.44
C GLY A 105 -1.55 21.27 20.17
N PRO A 106 -2.20 22.13 20.98
CA PRO A 106 -3.61 22.44 20.81
C PRO A 106 -3.92 23.56 19.79
N ALA A 107 -2.96 23.91 18.94
CA ALA A 107 -3.14 25.02 18.00
C ALA A 107 -4.23 24.75 16.98
N ARG A 108 -4.91 25.79 16.55
CA ARG A 108 -5.99 25.68 15.57
C ARG A 108 -5.48 25.72 14.14
N THR A 109 -4.42 26.49 13.88
CA THR A 109 -3.83 26.61 12.55
C THR A 109 -2.32 26.36 12.55
N LEU A 110 -1.85 25.65 11.54
CA LEU A 110 -0.42 25.38 11.40
C LEU A 110 0.02 25.75 9.99
N ARG A 111 1.02 26.61 9.88
CA ARG A 111 1.66 26.92 8.61
C ARG A 111 3.06 26.30 8.55
N LEU A 112 3.28 25.42 7.57
CA LEU A 112 4.58 24.80 7.37
C LEU A 112 5.31 25.61 6.32
N ASP A 113 6.47 26.14 6.71
CA ASP A 113 7.37 26.82 5.77
C ASP A 113 8.52 25.92 5.32
N LEU A 114 8.45 24.62 5.65
CA LEU A 114 9.56 23.71 5.43
C LEU A 114 10.04 23.68 3.98
N ALA A 115 9.11 23.79 3.03
CA ALA A 115 9.46 23.70 1.59
C ALA A 115 10.19 24.92 1.04
N LEU A 116 10.24 26.01 1.81
CA LEU A 116 10.97 27.22 1.45
C LEU A 116 12.45 27.16 1.85
N ALA A 117 12.84 26.17 2.65
CA ALA A 117 14.26 25.95 2.94
C ALA A 117 14.97 25.46 1.68
N ASP A 118 15.92 26.24 1.20
CA ASP A 118 16.76 25.83 0.05
C ASP A 118 18.21 25.64 0.49
N GLY A 119 19.06 25.21 -0.42
CA GLY A 119 20.41 24.80 -0.09
C GLY A 119 20.63 23.35 -0.38
N SER A 120 19.57 22.52 -0.28
CA SER A 120 19.68 21.10 -0.60
C SER A 120 19.52 20.83 -2.09
N GLY A 121 19.76 19.58 -2.47
CA GLY A 121 19.57 19.13 -3.85
C GLY A 121 18.13 18.86 -4.26
N VAL A 122 17.19 18.98 -3.31
CA VAL A 122 15.79 18.66 -3.57
C VAL A 122 15.14 19.91 -4.15
N PRO A 123 14.69 19.86 -5.43
CA PRO A 123 14.04 21.06 -6.01
C PRO A 123 12.77 21.46 -5.29
N ALA A 124 12.38 22.73 -5.44
CA ALA A 124 11.24 23.31 -4.74
C ALA A 124 9.94 22.50 -4.87
N ALA A 125 9.63 22.04 -6.08
CA ALA A 125 8.42 21.26 -6.32
C ALA A 125 8.42 19.95 -5.54
N GLU A 126 9.56 19.25 -5.52
CA GLU A 126 9.68 18.02 -4.75
C GLU A 126 9.60 18.26 -3.24
N ARG A 127 10.17 19.37 -2.78
CA ARG A 127 10.06 19.77 -1.38
C ARG A 127 8.59 19.99 -1.00
N ALA A 128 7.88 20.75 -1.83
CA ALA A 128 6.48 21.06 -1.59
C ALA A 128 5.61 19.81 -1.58
N ARG A 129 5.81 18.94 -2.57
CA ARG A 129 5.09 17.67 -2.65
C ARG A 129 5.31 16.85 -1.37
N ALA A 130 6.57 16.72 -0.96
CA ALA A 130 6.93 15.92 0.20
C ALA A 130 6.43 16.51 1.52
N VAL A 131 6.53 17.82 1.67
CA VAL A 131 6.00 18.48 2.87
C VAL A 131 4.48 18.29 2.98
N ALA A 132 3.77 18.44 1.87
CA ALA A 132 2.34 18.19 1.83
C ALA A 132 1.99 16.76 2.24
N GLU A 133 2.70 15.78 1.66
CA GLU A 133 2.47 14.37 2.00
C GLU A 133 2.70 14.13 3.48
N GLY A 134 3.86 14.56 3.99
CA GLY A 134 4.24 14.31 5.36
C GLY A 134 3.28 14.90 6.38
N ALA A 135 2.73 16.09 6.08
CA ALA A 135 1.76 16.76 6.95
C ALA A 135 0.51 15.93 7.12
N VAL A 136 -0.07 15.49 6.00
CA VAL A 136 -1.27 14.66 6.01
C VAL A 136 -0.99 13.31 6.66
N LEU A 137 0.10 12.67 6.25
CA LEU A 137 0.48 11.37 6.80
C LEU A 137 0.78 11.44 8.30
N GLY A 138 1.36 12.55 8.75
CA GLY A 138 1.70 12.73 10.16
C GLY A 138 0.50 13.04 11.04
N LEU A 139 -0.51 13.69 10.46
CA LEU A 139 -1.76 14.01 11.17
C LEU A 139 -2.70 12.83 11.31
N TYR A 140 -2.53 11.82 10.47
CA TYR A 140 -3.43 10.69 10.45
C TYR A 140 -3.70 10.12 11.84
N ARG A 141 -4.97 9.94 12.15
CA ARG A 141 -5.38 9.20 13.35
C ARG A 141 -6.54 8.29 12.96
N TYR A 142 -6.63 7.14 13.62
CA TYR A 142 -7.75 6.22 13.47
C TYR A 142 -8.49 6.09 14.80
N ASP A 143 -9.49 6.96 14.99
CA ASP A 143 -10.30 7.08 16.22
C ASP A 143 -11.75 6.60 16.11
N GLU A 144 -12.15 6.08 14.95
CA GLU A 144 -13.54 5.64 14.69
C GLU A 144 -14.15 4.75 15.80
N TYR A 145 -13.34 3.88 16.42
CA TYR A 145 -13.84 2.94 17.42
C TYR A 145 -13.49 3.30 18.88
N ARG A 146 -13.07 4.55 19.10
CA ARG A 146 -12.91 5.09 20.45
C ARG A 146 -14.17 5.85 20.84
N SER A 147 -14.60 5.67 22.09
CA SER A 147 -15.65 6.49 22.65
C SER A 147 -14.93 7.63 23.38
N PRO A 153 -8.50 20.14 18.00
CA PRO A 153 -8.80 21.53 17.62
C PRO A 153 -8.15 22.00 16.31
N LEU A 154 -7.23 21.18 15.77
CA LEU A 154 -6.50 21.51 14.54
C LEU A 154 -7.51 21.63 13.41
N ALA A 155 -7.69 22.87 12.93
CA ALA A 155 -8.64 23.20 11.85
C ALA A 155 -8.00 23.55 10.49
N GLU A 156 -6.67 23.75 10.44
CA GLU A 156 -6.02 24.18 9.19
C GLU A 156 -4.50 23.90 9.20
N VAL A 157 -4.05 23.10 8.24
CA VAL A 157 -2.64 22.97 7.90
C VAL A 157 -2.41 23.60 6.53
N ILE A 158 -1.48 24.54 6.48
CA ILE A 158 -1.18 25.30 5.29
C ILE A 158 0.28 25.00 4.96
N VAL A 159 0.58 24.76 3.69
CA VAL A 159 1.95 24.57 3.23
C VAL A 159 2.35 25.83 2.46
N ALA A 160 3.36 26.56 2.96
CA ALA A 160 3.83 27.78 2.30
C ALA A 160 4.81 27.47 1.17
N THR A 161 4.45 27.86 -0.06
CA THR A 161 5.24 27.63 -1.27
C THR A 161 4.52 28.22 -2.51
N PRO A 162 5.28 28.63 -3.54
CA PRO A 162 4.64 28.91 -4.84
C PRO A 162 4.24 27.65 -5.63
N GLU A 163 4.77 26.50 -5.24
CA GLU A 163 4.56 25.24 -5.96
C GLU A 163 3.21 24.64 -5.59
N ARG A 164 2.13 25.32 -5.98
CA ARG A 164 0.78 24.90 -5.63
C ARG A 164 0.35 23.58 -6.22
N ARG A 165 0.78 23.33 -7.44
CA ARG A 165 0.50 22.08 -8.13
C ARG A 165 1.13 20.90 -7.37
N ALA A 166 2.39 21.04 -6.99
CA ALA A 166 3.09 19.99 -6.24
C ALA A 166 2.41 19.70 -4.89
N VAL A 167 1.96 20.76 -4.22
CA VAL A 167 1.23 20.60 -2.95
C VAL A 167 -0.05 19.78 -3.17
N ALA A 168 -0.82 20.15 -4.20
CA ALA A 168 -2.06 19.46 -4.51
C ALA A 168 -1.84 17.98 -4.80
N GLU A 169 -0.80 17.66 -5.56
CA GLU A 169 -0.42 16.26 -5.84
C GLU A 169 -0.03 15.50 -4.56
N GLY A 170 0.73 16.16 -3.68
CA GLY A 170 1.15 15.57 -2.42
C GLY A 170 -0.02 15.27 -1.51
N LEU A 171 -0.93 16.24 -1.36
CA LEU A 171 -2.13 16.05 -0.57
C LEU A 171 -2.93 14.86 -1.11
N ALA A 172 -3.11 14.79 -2.41
CA ALA A 172 -3.92 13.72 -3.01
C ALA A 172 -3.29 12.33 -2.81
N ALA A 173 -1.98 12.24 -3.01
CA ALA A 173 -1.27 10.99 -2.77
C ALA A 173 -1.36 10.52 -1.31
N ALA A 174 -1.22 11.48 -0.39
CA ALA A 174 -1.29 11.19 1.03
C ALA A 174 -2.70 10.83 1.50
N GLU A 175 -3.69 11.52 0.94
CA GLU A 175 -5.09 11.20 1.24
C GLU A 175 -5.46 9.78 0.79
N ALA A 176 -5.00 9.38 -0.40
CA ALA A 176 -5.15 8.02 -0.87
C ALA A 176 -4.46 7.03 0.07
N THR A 177 -3.26 7.37 0.53
CA THR A 177 -2.57 6.52 1.50
C THR A 177 -3.40 6.35 2.77
N CYS A 178 -3.96 7.45 3.26
CA CYS A 178 -4.78 7.42 4.46
C CYS A 178 -6.08 6.63 4.29
N LEU A 179 -6.65 6.66 3.10
CA LEU A 179 -7.78 5.79 2.78
C LEU A 179 -7.40 4.32 2.97
N ALA A 180 -6.23 3.94 2.44
CA ALA A 180 -5.71 2.57 2.61
C ALA A 180 -5.46 2.25 4.08
N ARG A 181 -4.89 3.20 4.81
CA ARG A 181 -4.71 3.05 6.26
C ARG A 181 -6.03 2.74 6.98
N ASP A 182 -7.08 3.50 6.65
CA ASP A 182 -8.40 3.28 7.26
C ASP A 182 -8.91 1.87 6.97
N LEU A 183 -8.79 1.46 5.70
CA LEU A 183 -9.29 0.16 5.28
C LEU A 183 -8.58 -0.97 6.00
N VAL A 184 -7.28 -0.83 6.18
CA VAL A 184 -6.48 -1.85 6.84
C VAL A 184 -6.76 -1.87 8.35
N ASN A 185 -6.84 -0.69 8.95
CA ASN A 185 -7.15 -0.59 10.38
C ASN A 185 -8.55 -1.06 10.74
N CYS A 186 -9.48 -1.00 9.77
CA CYS A 186 -10.85 -1.34 10.04
C CYS A 186 -10.99 -2.77 10.61
N PRO A 187 -11.72 -2.92 11.74
CA PRO A 187 -12.00 -4.26 12.23
C PRO A 187 -12.63 -5.13 11.14
N ALA A 188 -12.21 -6.39 11.05
CA ALA A 188 -12.69 -7.28 10.02
C ALA A 188 -14.20 -7.52 10.10
N GLY A 189 -14.76 -7.48 11.31
CA GLY A 189 -16.20 -7.57 11.49
C GLY A 189 -17.02 -6.43 10.91
N THR A 190 -16.39 -5.26 10.74
CA THR A 190 -16.97 -4.16 9.99
C THR A 190 -16.63 -4.30 8.48
N LEU A 191 -15.36 -4.46 8.16
CA LEU A 191 -14.93 -4.60 6.77
C LEU A 191 -14.91 -6.07 6.37
N THR A 192 -16.11 -6.61 6.20
CA THR A 192 -16.33 -7.92 5.65
C THR A 192 -16.20 -7.85 4.13
N PRO A 193 -16.09 -9.00 3.46
CA PRO A 193 -16.03 -8.92 1.99
C PRO A 193 -17.25 -8.22 1.35
N PRO A 194 -18.49 -8.54 1.77
CA PRO A 194 -19.62 -7.77 1.25
C PRO A 194 -19.54 -6.26 1.57
N ALA A 195 -19.16 -5.90 2.80
CA ALA A 195 -19.07 -4.49 3.18
C ALA A 195 -17.93 -3.75 2.45
N PHE A 196 -16.82 -4.46 2.21
CA PHE A 196 -15.69 -3.91 1.50
C PHE A 196 -16.07 -3.67 0.03
N ALA A 197 -16.82 -4.59 -0.56
CA ALA A 197 -17.32 -4.40 -1.91
C ALA A 197 -18.23 -3.17 -2.01
N ASP A 198 -19.12 -3.00 -1.02
CA ASP A 198 -19.99 -1.81 -0.95
C ASP A 198 -19.18 -0.53 -0.86
N ARG A 199 -18.09 -0.56 -0.09
CA ARG A 199 -17.26 0.62 0.14
C ARG A 199 -16.54 1.02 -1.15
N ILE A 200 -16.06 0.02 -1.89
CA ILE A 200 -15.40 0.24 -3.18
C ILE A 200 -16.40 0.80 -4.17
N ARG A 201 -17.62 0.28 -4.16
CA ARG A 201 -18.68 0.79 -5.03
C ARG A 201 -18.92 2.28 -4.75
N GLU A 202 -18.98 2.66 -3.47
CA GLU A 202 -19.19 4.05 -3.11
C GLU A 202 -18.02 4.93 -3.53
N LEU A 203 -16.79 4.47 -3.29
CA LEU A 203 -15.58 5.20 -3.71
C LEU A 203 -15.49 5.36 -5.24
N ALA A 204 -15.84 4.29 -5.97
CA ALA A 204 -15.89 4.34 -7.44
C ALA A 204 -16.88 5.37 -7.94
N HIS A 205 -18.04 5.42 -7.30
CA HIS A 205 -19.09 6.36 -7.67
C HIS A 205 -18.64 7.83 -7.50
N THR A 206 -17.96 8.11 -6.40
CA THR A 206 -17.43 9.43 -6.12
C THR A 206 -16.47 9.86 -7.24
N ALA A 207 -15.51 9.00 -7.49
CA ALA A 207 -14.42 9.26 -8.41
C ALA A 207 -14.80 9.23 -9.89
N GLY A 208 -16.01 8.78 -10.24
CA GLY A 208 -16.40 8.52 -11.63
C GLY A 208 -15.90 7.19 -12.21
N LEU A 209 -15.36 6.30 -11.38
CA LEU A 209 -14.80 5.05 -11.86
C LEU A 209 -15.90 4.03 -12.14
N ASP A 210 -15.76 3.30 -13.23
CA ASP A 210 -16.67 2.20 -13.53
C ASP A 210 -16.41 1.07 -12.53
N CYS A 211 -17.48 0.47 -12.00
CA CYS A 211 -17.38 -0.55 -10.97
C CYS A 211 -18.37 -1.67 -11.20
N ALA A 212 -17.90 -2.92 -11.16
CA ALA A 212 -18.77 -4.10 -11.18
C ALA A 212 -18.46 -4.94 -9.95
N VAL A 213 -19.50 -5.32 -9.21
CA VAL A 213 -19.39 -6.18 -8.03
C VAL A 213 -20.04 -7.52 -8.37
N TYR A 214 -19.30 -8.60 -8.16
CA TYR A 214 -19.81 -9.95 -8.40
C TYR A 214 -19.98 -10.72 -7.07
N GLU A 215 -21.10 -11.44 -6.98
CA GLU A 215 -21.49 -12.16 -5.75
C GLU A 215 -22.38 -13.32 -6.10
N GLY A 216 -22.41 -14.32 -5.23
CA GLY A 216 -23.29 -15.47 -5.40
C GLY A 216 -23.11 -16.14 -6.76
N ALA A 217 -24.23 -16.34 -7.46
CA ALA A 217 -24.23 -17.01 -8.77
C ALA A 217 -23.44 -16.25 -9.82
N GLY A 218 -23.64 -14.94 -9.87
CA GLY A 218 -22.86 -14.06 -10.75
C GLY A 218 -21.36 -14.22 -10.55
N LEU A 219 -20.93 -14.35 -9.30
CA LEU A 219 -19.53 -14.62 -9.00
C LEU A 219 -19.12 -15.99 -9.51
N THR A 220 -19.92 -17.03 -9.22
CA THR A 220 -19.67 -18.41 -9.71
C THR A 220 -19.38 -18.50 -11.22
N GLU A 221 -20.17 -17.76 -12.02
CA GLU A 221 -19.98 -17.70 -13.49
C GLU A 221 -18.58 -17.31 -13.94
N LEU A 222 -17.87 -16.48 -13.17
CA LEU A 222 -16.54 -16.01 -13.54
C LEU A 222 -15.47 -17.08 -13.45
N GLY A 223 -15.74 -18.19 -12.77
CA GLY A 223 -14.77 -19.28 -12.62
C GLY A 223 -13.58 -18.98 -11.74
N LEU A 224 -13.78 -18.12 -10.73
CA LEU A 224 -12.73 -17.78 -9.76
C LEU A 224 -12.77 -18.79 -8.62
N THR A 225 -12.33 -20.00 -8.92
CA THR A 225 -12.57 -21.17 -8.07
C THR A 225 -11.66 -21.12 -6.83
N GLY A 226 -10.46 -20.56 -6.97
CA GLY A 226 -9.61 -20.26 -5.80
C GLY A 226 -10.29 -19.39 -4.74
N LEU A 227 -10.82 -18.25 -5.19
CA LEU A 227 -11.59 -17.35 -4.31
C LEU A 227 -12.75 -18.05 -3.61
N THR A 228 -13.57 -18.74 -4.39
CA THR A 228 -14.73 -19.48 -3.88
C THR A 228 -14.34 -20.55 -2.85
N ALA A 229 -13.27 -21.29 -3.14
CA ALA A 229 -12.85 -22.38 -2.27
C ALA A 229 -12.31 -21.86 -0.95
N VAL A 230 -11.42 -20.87 -1.02
CA VAL A 230 -10.86 -20.23 0.16
C VAL A 230 -11.94 -19.56 1.03
N GLY A 231 -12.89 -18.89 0.37
CA GLY A 231 -13.93 -18.12 1.06
C GLY A 231 -15.07 -18.92 1.66
N ARG A 232 -15.19 -20.18 1.26
CA ARG A 232 -16.34 -21.05 1.57
C ARG A 232 -16.58 -21.29 3.07
N GLY A 233 -15.51 -21.44 3.84
CA GLY A 233 -15.62 -21.71 5.28
C GLY A 233 -16.31 -20.63 6.09
N SER A 234 -16.20 -19.38 5.65
CA SER A 234 -16.74 -18.24 6.38
C SER A 234 -18.25 -18.09 6.21
N ALA A 235 -18.89 -17.52 7.22
CA ALA A 235 -20.27 -17.06 7.15
C ALA A 235 -20.43 -15.82 6.27
N GLU A 236 -19.34 -15.08 6.07
CA GLU A 236 -19.35 -13.92 5.16
C GLU A 236 -18.98 -14.36 3.75
N PRO A 237 -19.93 -14.26 2.80
CA PRO A 237 -19.61 -14.78 1.47
C PRO A 237 -18.58 -13.90 0.74
N PRO A 238 -17.79 -14.51 -0.15
CA PRO A 238 -16.80 -13.74 -0.87
C PRO A 238 -17.40 -12.80 -1.93
N ARG A 239 -16.57 -11.87 -2.37
CA ARG A 239 -16.95 -10.92 -3.40
C ARG A 239 -15.80 -10.77 -4.39
N TYR A 240 -16.14 -10.34 -5.60
CA TYR A 240 -15.13 -9.96 -6.57
C TYR A 240 -15.53 -8.64 -7.21
N VAL A 241 -14.60 -7.68 -7.23
CA VAL A 241 -14.86 -6.32 -7.68
C VAL A 241 -13.85 -5.94 -8.76
N GLU A 242 -14.36 -5.38 -9.86
CA GLU A 242 -13.50 -4.76 -10.88
C GLU A 242 -13.75 -3.26 -10.94
N LEU A 243 -12.67 -2.50 -10.96
CA LEU A 243 -12.69 -1.02 -10.99
C LEU A 243 -11.97 -0.60 -12.23
N THR A 244 -12.51 0.35 -12.99
CA THR A 244 -11.79 0.84 -14.15
C THR A 244 -11.73 2.38 -14.16
N TYR A 245 -10.51 2.89 -14.22
CA TYR A 245 -10.23 4.27 -14.56
C TYR A 245 -9.98 4.35 -16.07
N ASP A 246 -10.82 5.08 -16.77
CA ASP A 246 -10.83 5.06 -18.23
C ASP A 246 -11.05 6.47 -18.77
N PRO A 247 -10.02 7.34 -18.69
CA PRO A 247 -10.15 8.73 -19.15
C PRO A 247 -10.27 8.83 -20.69
N PRO A 248 -10.80 9.96 -21.21
CA PRO A 248 -10.92 10.09 -22.68
C PRO A 248 -9.55 10.11 -23.42
N ASP A 249 -8.58 10.83 -22.84
CA ASP A 249 -7.16 10.75 -23.22
C ASP A 249 -6.74 9.33 -23.66
N LEU A 254 -1.85 2.51 -23.44
CA LEU A 254 -1.70 1.23 -22.72
C LEU A 254 -2.79 1.03 -21.64
N THR A 255 -3.21 -0.23 -21.46
CA THR A 255 -4.11 -0.63 -20.36
C THR A 255 -3.33 -1.40 -19.28
N VAL A 256 -3.29 -0.85 -18.06
CA VAL A 256 -2.62 -1.47 -16.93
C VAL A 256 -3.64 -2.16 -16.04
N GLY A 257 -3.35 -3.41 -15.68
CA GLY A 257 -4.19 -4.17 -14.73
C GLY A 257 -3.54 -4.21 -13.36
N LEU A 258 -4.29 -3.85 -12.32
CA LEU A 258 -3.84 -3.96 -10.92
C LEU A 258 -4.68 -5.03 -10.21
N VAL A 259 -3.99 -6.00 -9.59
CA VAL A 259 -4.63 -7.11 -8.90
C VAL A 259 -4.26 -7.00 -7.43
N GLY A 260 -5.27 -6.91 -6.57
CA GLY A 260 -5.06 -6.68 -5.13
C GLY A 260 -5.67 -7.77 -4.28
N LYS A 261 -4.86 -8.41 -3.46
CA LYS A 261 -5.33 -9.46 -2.55
C LYS A 261 -6.17 -8.85 -1.42
N GLY A 262 -7.44 -9.22 -1.36
CA GLY A 262 -8.39 -8.69 -0.39
C GLY A 262 -8.93 -9.71 0.60
N VAL A 263 -8.05 -10.43 1.27
CA VAL A 263 -8.50 -11.34 2.33
C VAL A 263 -8.77 -10.45 3.54
N THR A 264 -10.05 -10.23 3.82
CA THR A 264 -10.45 -9.29 4.83
C THR A 264 -10.15 -9.79 6.23
N PHE A 265 -10.06 -11.11 6.39
CA PHE A 265 -9.64 -11.73 7.63
C PHE A 265 -9.01 -13.07 7.34
N ASP A 266 -7.73 -13.20 7.67
CA ASP A 266 -7.00 -14.45 7.48
C ASP A 266 -6.73 -15.15 8.81
N SER A 267 -7.62 -16.06 9.21
CA SER A 267 -7.40 -16.89 10.39
C SER A 267 -6.41 -18.02 10.17
N GLY A 268 -6.18 -18.36 8.91
CA GLY A 268 -5.42 -19.54 8.54
C GLY A 268 -6.26 -20.64 7.93
N GLY A 269 -7.56 -20.64 8.24
CA GLY A 269 -8.45 -21.72 7.85
C GLY A 269 -8.27 -22.90 8.80
N LEU A 270 -8.39 -24.12 8.27
CA LEU A 270 -8.21 -25.34 9.07
C LEU A 270 -6.79 -25.48 9.57
N SER A 271 -5.83 -25.02 8.78
CA SER A 271 -4.45 -24.81 9.19
C SER A 271 -4.40 -23.51 9.98
N LEU A 272 -5.00 -23.58 11.17
CA LEU A 272 -5.34 -22.40 11.94
C LEU A 272 -4.07 -21.77 12.50
N LYS A 273 -4.00 -20.44 12.42
CA LYS A 273 -2.86 -19.71 12.94
C LYS A 273 -2.76 -19.94 14.44
N PRO A 274 -1.54 -20.21 14.95
CA PRO A 274 -1.41 -20.54 16.37
C PRO A 274 -1.88 -19.42 17.29
N SER A 275 -2.76 -19.75 18.23
CA SER A 275 -3.22 -18.80 19.24
C SER A 275 -2.05 -18.58 20.20
N GLY A 276 -1.88 -17.37 20.69
CA GLY A 276 -0.66 -17.05 21.43
C GLY A 276 0.48 -16.46 20.59
N GLU A 277 0.46 -16.68 19.28
CA GLU A 277 1.21 -15.82 18.34
C GLU A 277 0.30 -14.66 17.93
N ARG A 278 0.88 -13.47 17.80
CA ARG A 278 0.15 -12.30 17.33
C ARG A 278 0.25 -12.21 15.81
N HIS A 279 -0.90 -12.03 15.17
CA HIS A 279 -1.00 -11.75 13.74
C HIS A 279 -2.07 -10.67 13.51
N ALA A 280 -1.75 -9.70 12.66
CA ALA A 280 -2.72 -8.70 12.25
C ALA A 280 -3.58 -9.31 11.13
N MET A 281 -4.50 -10.19 11.52
CA MET A 281 -5.26 -11.02 10.60
C MET A 281 -6.23 -10.19 9.74
N LYS A 282 -6.74 -9.09 10.30
CA LYS A 282 -7.57 -8.13 9.56
C LYS A 282 -6.82 -7.35 8.45
N ALA A 283 -5.47 -7.33 8.53
CA ALA A 283 -4.64 -6.56 7.60
C ALA A 283 -4.27 -7.31 6.33
N ASP A 284 -4.86 -8.49 6.12
CA ASP A 284 -4.49 -9.33 5.00
C ASP A 284 -5.16 -8.85 3.68
N MET A 285 -5.82 -7.69 3.74
CA MET A 285 -6.42 -7.06 2.55
C MET A 285 -5.67 -5.78 2.16
N GLY A 286 -4.45 -5.63 2.68
CA GLY A 286 -3.61 -4.44 2.43
C GLY A 286 -3.29 -4.23 0.96
N GLY A 287 -3.13 -5.32 0.21
CA GLY A 287 -2.90 -5.23 -1.21
C GLY A 287 -4.10 -4.66 -1.94
N ALA A 288 -5.29 -5.18 -1.62
CA ALA A 288 -6.53 -4.65 -2.17
C ALA A 288 -6.70 -3.19 -1.81
N ALA A 289 -6.37 -2.84 -0.57
CA ALA A 289 -6.46 -1.46 -0.10
C ALA A 289 -5.57 -0.55 -0.92
N ALA A 290 -4.34 -0.98 -1.17
CA ALA A 290 -3.39 -0.17 -1.93
C ALA A 290 -3.85 0.08 -3.37
N VAL A 291 -4.44 -0.95 -3.99
CA VAL A 291 -4.91 -0.88 -5.36
C VAL A 291 -6.14 0.04 -5.45
N VAL A 292 -7.09 -0.15 -4.54
CA VAL A 292 -8.31 0.68 -4.51
C VAL A 292 -7.92 2.15 -4.34
N ALA A 293 -7.08 2.44 -3.34
CA ALA A 293 -6.68 3.80 -3.03
C ALA A 293 -5.93 4.47 -4.18
N ALA A 294 -5.01 3.73 -4.79
CA ALA A 294 -4.30 4.22 -5.98
C ALA A 294 -5.28 4.58 -7.11
N LEU A 295 -6.24 3.70 -7.35
CA LEU A 295 -7.28 3.97 -8.35
C LEU A 295 -8.10 5.22 -8.05
N THR A 296 -8.39 5.50 -6.77
CA THR A 296 -9.15 6.71 -6.40
C THR A 296 -8.39 8.01 -6.64
N ALA A 297 -7.07 7.94 -6.63
CA ALA A 297 -6.22 9.13 -6.88
C ALA A 297 -6.05 9.49 -8.36
N LEU A 298 -6.31 8.56 -9.27
CA LEU A 298 -6.00 8.77 -10.69
C LEU A 298 -6.83 9.88 -11.35
N PRO A 299 -8.16 9.94 -11.08
CA PRO A 299 -8.94 11.04 -11.67
C PRO A 299 -8.48 12.43 -11.25
N ARG A 300 -7.99 12.59 -10.03
CA ARG A 300 -7.44 13.88 -9.58
C ARG A 300 -6.20 14.28 -10.38
N LEU A 301 -5.33 13.30 -10.64
CA LEU A 301 -4.11 13.52 -11.40
C LEU A 301 -4.35 13.65 -12.90
N GLY A 302 -5.40 13.04 -13.40
CA GLY A 302 -5.71 13.08 -14.83
C GLY A 302 -4.70 12.36 -15.70
N LEU A 303 -4.19 11.23 -15.23
CA LEU A 303 -3.19 10.46 -15.98
C LEU A 303 -3.79 9.90 -17.27
N PRO A 304 -3.08 10.05 -18.41
CA PRO A 304 -3.60 9.52 -19.67
C PRO A 304 -3.28 8.03 -19.85
N LEU A 305 -3.92 7.19 -19.04
CA LEU A 305 -3.80 5.74 -19.20
C LEU A 305 -5.01 5.05 -18.58
N ARG A 306 -5.37 3.90 -19.13
CA ARG A 306 -6.47 3.12 -18.65
C ARG A 306 -5.92 2.15 -17.61
N VAL A 307 -6.57 2.09 -16.46
CA VAL A 307 -6.14 1.22 -15.37
C VAL A 307 -7.34 0.47 -14.82
N ARG A 308 -7.25 -0.86 -14.79
CA ARG A 308 -8.31 -1.71 -14.22
C ARG A 308 -7.80 -2.33 -12.92
N GLY A 309 -8.63 -2.25 -11.88
CA GLY A 309 -8.38 -2.91 -10.61
C GLY A 309 -9.20 -4.19 -10.55
N HIS A 310 -8.61 -5.26 -10.02
CA HIS A 310 -9.23 -6.57 -9.90
C HIS A 310 -9.05 -6.97 -8.45
N LEU A 311 -10.16 -7.10 -7.71
CA LEU A 311 -10.13 -7.28 -6.25
C LEU A 311 -10.92 -8.50 -5.76
N PRO A 312 -10.23 -9.63 -5.56
CA PRO A 312 -10.89 -10.75 -4.90
C PRO A 312 -10.94 -10.54 -3.38
N LEU A 313 -12.13 -10.71 -2.79
CA LEU A 313 -12.38 -10.41 -1.39
C LEU A 313 -12.98 -11.63 -0.70
N ALA A 314 -12.38 -12.06 0.40
CA ALA A 314 -12.87 -13.23 1.14
C ALA A 314 -12.33 -13.26 2.56
N GLU A 315 -13.00 -14.03 3.42
CA GLU A 315 -12.47 -14.42 4.71
C GLU A 315 -11.92 -15.84 4.61
N ASN A 316 -10.81 -16.11 5.30
CA ASN A 316 -10.28 -17.48 5.46
C ASN A 316 -10.53 -17.95 6.89
N MET A 317 -11.54 -18.82 7.06
CA MET A 317 -12.04 -19.22 8.39
C MET A 317 -12.05 -20.72 8.52
N PRO A 318 -11.83 -21.24 9.76
CA PRO A 318 -12.08 -22.64 10.01
C PRO A 318 -13.58 -22.87 10.19
N ASP A 319 -14.06 -24.02 9.76
CA ASP A 319 -15.49 -24.32 9.74
C ASP A 319 -15.71 -25.76 9.31
N GLY A 320 -16.88 -26.28 9.64
CA GLY A 320 -17.33 -27.58 9.15
C GLY A 320 -17.32 -27.70 7.63
N GLY A 321 -17.44 -26.58 6.92
CA GLY A 321 -17.39 -26.56 5.47
C GLY A 321 -16.19 -25.85 4.89
N ALA A 322 -15.07 -25.77 5.61
CA ALA A 322 -13.88 -25.07 5.12
C ALA A 322 -13.03 -25.93 4.19
N LEU A 323 -12.30 -25.25 3.31
CA LEU A 323 -11.32 -25.86 2.43
C LEU A 323 -10.36 -26.77 3.22
N ARG A 324 -10.08 -27.95 2.68
CA ARG A 324 -9.32 -28.96 3.40
C ARG A 324 -7.91 -29.13 2.84
N VAL A 325 -6.98 -29.45 3.72
CA VAL A 325 -5.64 -29.87 3.33
C VAL A 325 -5.77 -31.14 2.47
N GLY A 326 -5.12 -31.13 1.31
CA GLY A 326 -5.23 -32.22 0.34
C GLY A 326 -6.28 -32.00 -0.76
N ASP A 327 -7.14 -30.99 -0.60
CA ASP A 327 -8.11 -30.66 -1.65
C ASP A 327 -7.38 -30.06 -2.86
N VAL A 328 -8.04 -30.18 -4.01
CA VAL A 328 -7.50 -29.69 -5.26
C VAL A 328 -8.45 -28.66 -5.82
N VAL A 329 -7.88 -27.52 -6.21
CA VAL A 329 -8.61 -26.48 -6.91
C VAL A 329 -8.28 -26.57 -8.40
N ARG A 330 -9.32 -26.61 -9.23
CA ARG A 330 -9.15 -26.52 -10.68
C ARG A 330 -9.40 -25.07 -11.06
N HIS A 331 -8.36 -24.42 -11.56
CA HIS A 331 -8.38 -22.98 -11.82
C HIS A 331 -9.01 -22.64 -13.18
N LEU A 332 -9.20 -21.35 -13.42
CA LEU A 332 -9.81 -20.83 -14.65
C LEU A 332 -9.05 -21.24 -15.93
N ASP A 333 -7.74 -21.47 -15.84
CA ASP A 333 -6.95 -21.94 -16.99
C ASP A 333 -6.89 -23.47 -17.11
N GLY A 334 -7.67 -24.18 -16.30
CA GLY A 334 -7.69 -25.65 -16.35
C GLY A 334 -6.61 -26.35 -15.56
N THR A 335 -5.63 -25.61 -15.02
CA THR A 335 -4.55 -26.21 -14.22
C THR A 335 -5.02 -26.40 -12.77
N THR A 336 -4.29 -27.22 -12.04
CA THR A 336 -4.72 -27.67 -10.72
C THR A 336 -3.69 -27.37 -9.62
N THR A 337 -4.21 -27.03 -8.45
CA THR A 337 -3.40 -26.74 -7.29
C THR A 337 -3.88 -27.58 -6.11
N GLU A 338 -2.95 -28.34 -5.52
CA GLU A 338 -3.20 -29.07 -4.29
C GLU A 338 -2.98 -28.14 -3.10
N ILE A 339 -3.94 -28.15 -2.18
CA ILE A 339 -3.91 -27.30 -1.00
C ILE A 339 -3.16 -28.06 0.09
N THR A 340 -1.85 -27.85 0.21
CA THR A 340 -1.06 -28.55 1.26
C THR A 340 -1.04 -27.81 2.59
N HIS A 341 -1.45 -26.54 2.59
CA HIS A 341 -1.52 -25.70 3.79
C HIS A 341 -2.59 -24.62 3.54
N THR A 342 -3.66 -24.59 4.36
CA THR A 342 -4.78 -23.69 4.10
C THR A 342 -4.46 -22.20 4.37
N ASP A 343 -3.38 -21.95 5.10
CA ASP A 343 -2.90 -20.60 5.37
C ASP A 343 -2.08 -19.96 4.24
N ASN A 344 -1.78 -20.71 3.18
CA ASN A 344 -1.26 -20.14 1.95
C ASN A 344 -2.40 -19.94 0.95
N GLU A 345 -3.40 -19.20 1.40
CA GLU A 345 -4.64 -19.05 0.66
C GLU A 345 -4.56 -17.94 -0.39
N GLY A 346 -3.79 -16.89 -0.11
CA GLY A 346 -3.75 -15.73 -1.01
C GLY A 346 -3.34 -16.04 -2.44
N ARG A 347 -2.33 -16.89 -2.61
CA ARG A 347 -1.85 -17.23 -3.95
C ARG A 347 -2.91 -18.00 -4.74
N VAL A 348 -3.70 -18.80 -4.02
CA VAL A 348 -4.78 -19.60 -4.60
C VAL A 348 -5.92 -18.68 -5.05
N VAL A 349 -6.23 -17.68 -4.23
CA VAL A 349 -7.25 -16.67 -4.56
C VAL A 349 -6.81 -15.80 -5.75
N LEU A 350 -5.56 -15.37 -5.74
CA LEU A 350 -5.03 -14.54 -6.83
C LEU A 350 -4.92 -15.25 -8.17
N ALA A 351 -4.69 -16.57 -8.16
CA ALA A 351 -4.40 -17.34 -9.38
C ALA A 351 -5.41 -17.07 -10.51
N ASP A 352 -6.69 -17.27 -10.21
CA ASP A 352 -7.74 -17.17 -11.24
C ASP A 352 -7.94 -15.73 -11.69
N VAL A 353 -7.76 -14.79 -10.77
CA VAL A 353 -7.86 -13.37 -11.11
C VAL A 353 -6.75 -12.97 -12.08
N LEU A 354 -5.53 -13.46 -11.85
CA LEU A 354 -4.43 -13.22 -12.79
C LEU A 354 -4.72 -13.81 -14.19
N VAL A 355 -5.37 -14.97 -14.26
CA VAL A 355 -5.79 -15.54 -15.55
C VAL A 355 -6.81 -14.60 -16.21
N ARG A 356 -7.83 -14.22 -15.45
CA ARG A 356 -8.84 -13.30 -15.97
C ARG A 356 -8.22 -11.96 -16.40
N ALA A 357 -7.33 -11.41 -15.59
CA ALA A 357 -6.77 -10.08 -15.86
C ALA A 357 -5.88 -10.06 -17.09
N SER A 358 -5.15 -11.16 -17.31
CA SER A 358 -4.14 -11.23 -18.36
C SER A 358 -4.55 -11.99 -19.63
N ARG A 359 -5.70 -12.66 -19.64
CA ARG A 359 -6.11 -13.48 -20.80
C ARG A 359 -6.28 -12.63 -22.07
N PRO A 360 -6.00 -13.21 -23.25
CA PRO A 360 -6.23 -12.45 -24.48
C PRO A 360 -7.72 -12.25 -24.68
N GLY A 361 -8.13 -11.04 -25.03
CA GLY A 361 -9.55 -10.74 -25.10
C GLY A 361 -9.86 -9.29 -25.45
N PRO A 362 -11.05 -8.80 -25.03
CA PRO A 362 -11.50 -7.44 -25.37
C PRO A 362 -10.59 -6.35 -24.82
N HIS A 363 -10.01 -5.54 -25.73
CA HIS A 363 -9.25 -4.31 -25.41
C HIS A 363 -7.86 -4.52 -24.79
N ARG A 364 -7.67 -5.64 -24.09
CA ARG A 364 -6.35 -6.21 -23.83
C ARG A 364 -5.54 -5.45 -22.80
N SER A 365 -5.39 -6.05 -21.61
CA SER A 365 -4.53 -5.49 -20.56
C SER A 365 -3.05 -5.70 -20.88
N ASP A 366 -2.33 -4.61 -21.14
CA ASP A 366 -0.96 -4.67 -21.65
C ASP A 366 0.05 -5.08 -20.59
N LEU A 367 -0.23 -4.76 -19.32
CA LEU A 367 0.61 -5.23 -18.23
C LEU A 367 -0.15 -5.34 -16.93
N VAL A 368 0.30 -6.26 -16.08
CA VAL A 368 -0.38 -6.60 -14.83
C VAL A 368 0.55 -6.47 -13.64
N VAL A 369 0.13 -5.74 -12.62
CA VAL A 369 0.88 -5.63 -11.35
C VAL A 369 -0.02 -6.13 -10.25
N ASP A 370 0.44 -7.10 -9.48
CA ASP A 370 -0.32 -7.55 -8.30
C ASP A 370 0.34 -7.06 -7.02
N VAL A 371 -0.50 -6.78 -6.02
CA VAL A 371 -0.06 -6.29 -4.73
C VAL A 371 -0.76 -7.15 -3.70
N ALA A 372 0.02 -7.70 -2.76
CA ALA A 372 -0.48 -8.71 -1.84
C ALA A 372 0.35 -8.78 -0.56
N THR A 373 -0.33 -8.82 0.58
CA THR A 373 0.27 -9.21 1.86
C THR A 373 0.38 -10.74 1.87
N LEU A 374 1.32 -11.26 1.09
CA LEU A 374 1.25 -12.67 0.66
C LEU A 374 2.00 -13.64 1.56
N THR A 375 3.19 -13.27 1.96
CA THR A 375 4.13 -14.22 2.51
C THR A 375 4.70 -13.73 3.84
N SER A 376 4.88 -14.64 4.77
CA SER A 376 5.52 -14.34 6.04
C SER A 376 7.01 -14.67 6.06
N ALA A 377 7.51 -15.41 5.06
CA ALA A 377 8.94 -15.78 5.00
C ALA A 377 9.89 -14.62 4.67
N ALA A 378 9.42 -13.68 3.84
CA ALA A 378 10.23 -12.57 3.34
C ALA A 378 10.86 -11.77 4.47
N VAL A 379 9.98 -11.32 5.37
CA VAL A 379 10.33 -10.49 6.51
C VAL A 379 11.54 -11.02 7.29
N HIS A 380 11.72 -12.35 7.34
CA HIS A 380 12.86 -12.94 8.05
C HIS A 380 14.17 -12.41 7.52
N ALA A 381 14.28 -12.31 6.20
CA ALA A 381 15.49 -11.78 5.55
C ALA A 381 15.49 -10.25 5.45
N LEU A 382 14.40 -9.69 4.91
CA LEU A 382 14.29 -8.26 4.56
C LEU A 382 13.94 -7.30 5.71
N GLY A 383 13.41 -7.81 6.81
CA GLY A 383 12.92 -6.97 7.89
C GLY A 383 11.51 -6.43 7.68
N THR A 384 11.06 -5.63 8.64
CA THR A 384 9.64 -5.26 8.74
C THR A 384 9.21 -4.09 7.86
N ARG A 385 10.17 -3.35 7.30
CA ARG A 385 9.86 -2.12 6.57
C ARG A 385 10.15 -2.13 5.07
N THR A 386 10.43 -3.31 4.50
CA THR A 386 10.79 -3.45 3.09
C THR A 386 9.90 -4.49 2.38
N GLY A 387 9.35 -4.10 1.25
CA GLY A 387 8.54 -5.01 0.47
C GLY A 387 9.42 -5.78 -0.49
N ALA A 388 8.91 -6.91 -0.99
CA ALA A 388 9.60 -7.65 -2.04
C ALA A 388 8.96 -7.38 -3.40
N LEU A 389 9.82 -7.16 -4.41
CA LEU A 389 9.40 -6.98 -5.80
C LEU A 389 9.90 -8.17 -6.63
N PHE A 390 8.98 -8.76 -7.38
CA PHE A 390 9.31 -9.80 -8.35
C PHE A 390 8.81 -9.39 -9.73
N THR A 391 9.68 -9.56 -10.73
CA THR A 391 9.28 -9.45 -12.13
C THR A 391 10.39 -10.05 -13.00
N PRO A 392 10.04 -10.74 -14.11
CA PRO A 392 11.08 -11.13 -15.07
C PRO A 392 11.53 -9.98 -15.99
N ASP A 393 10.80 -8.87 -15.97
CA ASP A 393 11.03 -7.75 -16.85
C ASP A 393 11.94 -6.69 -16.17
N ASP A 394 13.17 -6.60 -16.63
CA ASP A 394 14.16 -5.70 -16.03
C ASP A 394 13.79 -4.22 -16.12
N ARG A 395 13.18 -3.80 -17.21
CA ARG A 395 12.80 -2.38 -17.33
C ARG A 395 11.60 -2.05 -16.44
N LEU A 396 10.66 -3.00 -16.30
CA LEU A 396 9.54 -2.81 -15.37
C LEU A 396 10.05 -2.77 -13.92
N ALA A 397 11.02 -3.63 -13.61
CA ALA A 397 11.67 -3.61 -12.30
C ALA A 397 12.23 -2.22 -12.01
N GLN A 398 12.96 -1.66 -12.97
CA GLN A 398 13.53 -0.32 -12.81
C GLN A 398 12.46 0.74 -12.64
N THR A 399 11.37 0.63 -13.39
CA THR A 399 10.27 1.58 -13.28
C THR A 399 9.66 1.57 -11.88
N VAL A 400 9.43 0.37 -11.33
CA VAL A 400 8.82 0.23 -10.00
C VAL A 400 9.76 0.68 -8.88
N LEU A 401 11.02 0.28 -8.96
CA LEU A 401 12.01 0.66 -7.97
C LEU A 401 12.22 2.18 -7.91
N ALA A 402 12.37 2.81 -9.08
CA ALA A 402 12.51 4.28 -9.14
C ALA A 402 11.24 4.97 -8.62
N ALA A 403 10.07 4.42 -8.95
CA ALA A 403 8.82 4.95 -8.40
C ALA A 403 8.82 4.89 -6.86
N SER A 404 9.29 3.77 -6.31
CA SER A 404 9.35 3.58 -4.87
C SER A 404 10.31 4.56 -4.19
N GLU A 405 11.44 4.83 -4.86
CA GLU A 405 12.41 5.82 -4.37
C GLU A 405 11.79 7.21 -4.28
N ARG A 406 11.07 7.63 -5.32
CA ARG A 406 10.38 8.92 -5.30
C ARG A 406 9.35 8.97 -4.17
N ALA A 407 8.63 7.86 -4.00
CA ALA A 407 7.61 7.75 -2.96
C ALA A 407 8.17 7.56 -1.54
N GLY A 408 9.44 7.25 -1.41
CA GLY A 408 10.06 6.97 -0.11
C GLY A 408 9.61 5.65 0.50
N GLU A 409 9.27 4.67 -0.35
CA GLU A 409 8.88 3.33 0.13
C GLU A 409 9.97 2.34 -0.25
N SER A 410 10.36 1.50 0.70
CA SER A 410 11.47 0.59 0.55
C SER A 410 11.02 -0.76 -0.07
N PHE A 411 11.61 -1.06 -1.24
CA PHE A 411 11.46 -2.35 -1.89
C PHE A 411 12.82 -2.92 -2.23
N CYS A 412 12.93 -4.24 -2.23
CA CYS A 412 14.05 -4.85 -2.92
C CYS A 412 13.57 -5.98 -3.81
N ARG A 413 14.20 -6.04 -4.97
CA ARG A 413 13.89 -7.05 -5.96
C ARG A 413 14.44 -8.39 -5.55
N LEU A 414 13.61 -9.42 -5.62
CA LEU A 414 14.05 -10.78 -5.40
C LEU A 414 13.94 -11.54 -6.72
N PRO A 415 14.85 -12.49 -6.94
CA PRO A 415 14.85 -13.20 -8.22
C PRO A 415 13.80 -14.31 -8.29
N LEU A 416 13.27 -14.52 -9.49
CA LEU A 416 12.39 -15.64 -9.79
C LEU A 416 13.26 -16.86 -10.09
N LEU A 417 13.77 -17.46 -9.02
CA LEU A 417 14.77 -18.53 -9.13
C LEU A 417 14.18 -19.78 -9.77
N ALA A 418 14.66 -20.12 -10.96
CA ALA A 418 14.15 -21.33 -11.65
C ALA A 418 14.26 -22.60 -10.79
N HIS A 419 15.34 -22.71 -10.01
CA HIS A 419 15.56 -23.94 -9.20
C HIS A 419 14.58 -24.10 -8.03
N GLU A 420 13.86 -23.03 -7.68
CA GLU A 420 12.77 -23.10 -6.70
C GLU A 420 11.44 -23.60 -7.27
N ARG A 421 11.31 -23.73 -8.60
CA ARG A 421 10.09 -24.32 -9.17
C ARG A 421 9.92 -25.77 -8.74
N ARG A 422 11.01 -26.48 -8.47
CA ARG A 422 10.92 -27.87 -8.03
C ARG A 422 10.09 -27.97 -6.76
N ASN A 423 10.12 -26.92 -5.94
CA ASN A 423 9.32 -26.88 -4.71
C ASN A 423 7.83 -26.58 -4.92
N LEU A 424 7.41 -26.35 -6.15
CA LEU A 424 5.99 -26.26 -6.48
C LEU A 424 5.39 -27.61 -6.81
N ARG A 425 6.20 -28.66 -6.93
CA ARG A 425 5.68 -29.95 -7.41
C ARG A 425 4.72 -30.59 -6.42
N SER A 426 3.72 -31.27 -6.96
CA SER A 426 2.71 -31.95 -6.19
C SER A 426 2.68 -33.39 -6.65
N ALA A 427 2.42 -34.31 -5.72
CA ALA A 427 2.22 -35.72 -6.09
C ALA A 427 0.84 -35.95 -6.71
N VAL A 428 -0.05 -34.97 -6.66
CA VAL A 428 -1.46 -35.12 -7.07
C VAL A 428 -1.88 -34.13 -8.17
N ALA A 429 -1.59 -32.85 -7.98
CA ALA A 429 -2.01 -31.79 -8.91
C ALA A 429 -0.81 -31.22 -9.68
N ASP A 430 -1.05 -30.18 -10.48
CA ASP A 430 0.04 -29.51 -11.20
C ASP A 430 1.01 -28.78 -10.31
N ARG A 431 0.53 -28.28 -9.18
CA ARG A 431 1.36 -27.59 -8.21
C ARG A 431 0.79 -27.69 -6.80
N VAL A 432 1.63 -27.36 -5.81
CA VAL A 432 1.18 -27.14 -4.43
C VAL A 432 1.13 -25.65 -4.09
N ASN A 433 0.34 -25.31 -3.08
CA ASN A 433 0.35 -23.95 -2.53
C ASN A 433 1.32 -23.78 -1.37
N CYS A 434 2.00 -24.85 -0.96
CA CYS A 434 2.96 -24.79 0.14
C CYS A 434 3.90 -25.99 0.05
N SER A 435 5.20 -25.72 0.01
CA SER A 435 6.23 -26.77 -0.05
C SER A 435 6.64 -27.30 1.32
N HIS A 436 6.28 -26.56 2.38
CA HIS A 436 6.84 -26.75 3.72
C HIS A 436 8.37 -26.72 3.74
N ARG A 437 8.98 -26.00 2.79
CA ARG A 437 10.41 -25.81 2.76
C ARG A 437 10.72 -24.32 2.80
N HIS A 438 11.97 -24.01 3.06
CA HIS A 438 12.45 -22.63 2.96
C HIS A 438 12.28 -22.11 1.54
N GLY A 439 12.07 -20.80 1.43
CA GLY A 439 11.97 -20.12 0.14
C GLY A 439 10.57 -19.84 -0.36
N ASP A 440 9.61 -19.77 0.57
CA ASP A 440 8.21 -19.61 0.19
C ASP A 440 7.89 -18.27 -0.49
N THR A 441 8.62 -17.21 -0.14
CA THR A 441 8.42 -15.90 -0.78
C THR A 441 8.67 -15.98 -2.27
N ILE A 442 9.78 -16.61 -2.63
CA ILE A 442 10.14 -16.86 -4.03
C ILE A 442 9.19 -17.88 -4.67
N GLN A 443 8.88 -18.95 -3.94
CA GLN A 443 7.97 -19.97 -4.46
C GLN A 443 6.59 -19.39 -4.76
N ALA A 444 6.12 -18.51 -3.88
CA ALA A 444 4.82 -17.87 -4.07
C ALA A 444 4.78 -17.01 -5.33
N ALA A 445 5.88 -16.31 -5.61
CA ALA A 445 6.00 -15.50 -6.81
C ALA A 445 5.96 -16.39 -8.05
N LEU A 446 6.70 -17.49 -8.04
CA LEU A 446 6.70 -18.45 -9.15
C LEU A 446 5.32 -19.07 -9.36
N PHE A 447 4.63 -19.35 -8.26
CA PHE A 447 3.26 -19.83 -8.29
C PHE A 447 2.37 -18.85 -9.03
N LEU A 448 2.42 -17.57 -8.64
CA LEU A 448 1.63 -16.53 -9.32
C LEU A 448 2.00 -16.40 -10.80
N GLN A 449 3.30 -16.50 -11.10
CA GLN A 449 3.77 -16.42 -12.48
C GLN A 449 3.09 -17.43 -13.40
N ASP A 450 2.79 -18.65 -12.91
CA ASP A 450 2.09 -19.68 -13.69
C ASP A 450 0.77 -19.21 -14.32
N PHE A 451 0.10 -18.24 -13.69
CA PHE A 451 -1.20 -17.79 -14.14
C PHE A 451 -1.20 -16.52 -14.99
N VAL A 452 -0.02 -15.95 -15.24
CA VAL A 452 0.05 -14.75 -16.08
C VAL A 452 0.24 -15.18 -17.52
N ALA A 453 -0.71 -14.80 -18.38
CA ALA A 453 -0.66 -15.20 -19.80
C ALA A 453 0.66 -14.86 -20.45
N ALA A 454 1.10 -15.73 -21.35
CA ALA A 454 2.38 -15.59 -22.05
C ALA A 454 2.49 -14.24 -22.72
N GLY A 455 3.67 -13.62 -22.58
CA GLY A 455 3.93 -12.34 -23.23
C GLY A 455 3.41 -11.09 -22.53
N VAL A 456 2.66 -11.23 -21.43
CA VAL A 456 2.14 -10.07 -20.69
C VAL A 456 3.18 -9.71 -19.64
N PRO A 457 3.79 -8.50 -19.72
CA PRO A 457 4.66 -8.06 -18.64
C PRO A 457 3.91 -8.03 -17.29
N TRP A 458 4.59 -8.48 -16.24
CA TRP A 458 3.97 -8.65 -14.94
C TRP A 458 4.95 -8.31 -13.81
N ALA A 459 4.42 -7.69 -12.76
CA ALA A 459 5.19 -7.48 -11.55
C ALA A 459 4.36 -7.85 -10.34
N HIS A 460 5.03 -8.38 -9.31
CA HIS A 460 4.38 -8.83 -8.08
C HIS A 460 5.03 -8.14 -6.89
N LEU A 461 4.19 -7.52 -6.06
CA LEU A 461 4.64 -6.78 -4.90
C LEU A 461 4.12 -7.48 -3.65
N ASP A 462 5.03 -8.04 -2.87
CA ASP A 462 4.71 -8.76 -1.63
C ASP A 462 5.03 -7.81 -0.48
N ILE A 463 4.00 -7.39 0.24
CA ILE A 463 4.08 -6.28 1.19
C ILE A 463 3.53 -6.64 2.56
N ALA A 464 3.53 -7.93 2.89
CA ALA A 464 2.96 -8.41 4.16
C ALA A 464 3.48 -7.64 5.36
N ALA A 465 4.80 -7.54 5.48
CA ALA A 465 5.41 -6.84 6.62
C ALA A 465 5.19 -5.31 6.61
N PRO A 466 5.59 -4.59 5.55
CA PRO A 466 5.45 -3.13 5.61
C PRO A 466 4.01 -2.59 5.58
N ALA A 467 3.01 -3.43 5.25
CA ALA A 467 1.60 -3.01 5.24
C ALA A 467 1.02 -2.71 6.62
N TYR A 468 1.67 -3.19 7.68
CA TYR A 468 1.21 -3.01 9.04
C TYR A 468 2.41 -2.80 9.95
N ASN A 469 2.43 -1.69 10.67
CA ASN A 469 3.49 -1.35 11.59
C ASN A 469 3.12 -1.79 13.00
N ASP A 470 3.72 -2.89 13.47
CA ASP A 470 3.44 -3.37 14.83
C ASP A 470 4.40 -2.80 15.89
N GLU A 471 5.25 -1.86 15.49
CA GLU A 471 6.04 -1.05 16.43
C GLU A 471 5.40 0.32 16.53
N GLY A 472 5.94 1.18 17.38
CA GLY A 472 5.36 2.52 17.58
C GLY A 472 5.47 3.39 16.33
N PRO A 473 4.82 4.56 16.35
CA PRO A 473 4.90 5.45 15.19
C PRO A 473 6.32 5.99 15.01
N TYR A 474 6.72 6.19 13.76
CA TYR A 474 8.01 6.81 13.43
C TYR A 474 7.82 7.64 12.16
N ALA A 475 8.42 8.83 12.14
CA ALA A 475 8.37 9.71 10.99
C ALA A 475 6.90 9.92 10.58
N GLU A 476 6.55 9.65 9.33
CA GLU A 476 5.16 9.83 8.85
C GLU A 476 4.30 8.57 8.93
N VAL A 477 4.79 7.54 9.64
CA VAL A 477 4.17 6.22 9.68
C VAL A 477 3.56 6.00 11.07
N PRO A 478 2.24 5.72 11.12
CA PRO A 478 1.60 5.46 12.41
C PRO A 478 1.77 4.00 12.83
N TYR A 479 1.37 3.69 14.06
CA TYR A 479 1.15 2.29 14.45
C TYR A 479 0.04 1.75 13.59
N GLY A 480 0.16 0.50 13.17
CA GLY A 480 -0.93 -0.20 12.50
C GLY A 480 -0.89 -0.10 11.00
N GLY A 481 -2.06 0.06 10.38
CA GLY A 481 -2.15 0.11 8.93
C GLY A 481 -1.35 1.28 8.38
N THR A 482 -0.48 1.01 7.41
CA THR A 482 0.42 2.03 6.86
C THR A 482 0.00 2.63 5.53
N GLY A 483 -0.84 1.92 4.77
CA GLY A 483 -1.13 2.30 3.40
C GLY A 483 0.04 2.11 2.45
N PHE A 484 0.97 1.22 2.84
CA PHE A 484 2.17 0.97 2.08
C PHE A 484 1.82 0.52 0.65
N ALA A 485 2.63 0.99 -0.30
CA ALA A 485 2.52 0.71 -1.75
C ALA A 485 1.57 1.62 -2.52
N VAL A 486 0.72 2.38 -1.84
CA VAL A 486 -0.20 3.29 -2.55
C VAL A 486 0.60 4.29 -3.39
N ARG A 487 1.55 4.95 -2.74
CA ARG A 487 2.34 5.99 -3.41
C ARG A 487 3.29 5.41 -4.46
N THR A 488 3.87 4.25 -4.19
CA THR A 488 4.68 3.55 -5.20
C THR A 488 3.85 3.26 -6.45
N LEU A 489 2.64 2.73 -6.25
CA LEU A 489 1.74 2.47 -7.38
C LEU A 489 1.42 3.74 -8.18
N ILE A 490 1.06 4.82 -7.49
CA ILE A 490 0.76 6.08 -8.17
C ILE A 490 1.95 6.53 -8.99
N GLU A 491 3.13 6.52 -8.37
CA GLU A 491 4.37 6.89 -9.07
C GLU A 491 4.70 5.99 -10.26
N THR A 492 4.47 4.69 -10.10
CA THR A 492 4.65 3.73 -11.18
C THR A 492 3.70 4.01 -12.35
N LEU A 493 2.43 4.27 -12.05
CA LEU A 493 1.45 4.59 -13.10
C LEU A 493 1.77 5.90 -13.81
N ARG A 494 2.27 6.90 -13.08
CA ARG A 494 2.71 8.16 -13.68
C ARG A 494 3.81 7.91 -14.71
N ALA A 495 4.87 7.22 -14.30
CA ALA A 495 5.98 6.91 -15.21
C ALA A 495 5.50 6.12 -16.43
N LEU A 496 4.65 5.11 -16.19
CA LEU A 496 4.08 4.33 -17.29
C LEU A 496 3.24 5.18 -18.26
N SER A 497 2.52 6.18 -17.73
CA SER A 497 1.75 7.08 -18.59
C SER A 497 2.63 8.04 -19.42
N GLU A 498 3.88 8.25 -19.01
CA GLU A 498 4.86 9.07 -19.75
C GLU A 498 5.75 8.24 -20.67
MN MN B . -3.25 -14.35 3.69
MN MN C . -2.69 -17.03 5.13
C BCT D . -0.44 -16.96 0.65
O1 BCT D . 0.69 -17.11 1.13
O2 BCT D . -1.35 -16.32 1.22
O3 BCT D . -0.61 -17.54 -0.54
#